data_7WJS
#
_entry.id   7WJS
#
_cell.length_a   141.205
_cell.length_b   141.205
_cell.length_c   132.727
_cell.angle_alpha   90.000
_cell.angle_beta   90.000
_cell.angle_gamma   120.000
#
_symmetry.space_group_name_H-M   'P 61 2 2'
#
loop_
_entity.id
_entity.type
_entity.pdbx_description
1 polymer 'Bromodomain-containing protein 4'
2 non-polymer 2-(2-cyclobutyl-1~{H}-imidazol-5-yl)-7-[2-(4-fluoranyl-2,6-dimethyl-phenoxy)-5-(2-oxidanylpropan-2-yl)phenyl]-5-methyl-furo[3,2-c]pyridin-4-one
3 non-polymer GLYCEROL
4 water water
#
_entity_poly.entity_id   1
_entity_poly.type   'polypeptide(L)'
_entity_poly.pdbx_seq_one_letter_code
;MKKGHHHHHHLVPRGSNPPPPETSNPNKPKRQTNQLQYLLRVVLKTLWKHQFAWPFQQPVDAVKLNLPDYYKIIKTPMDM
GTIKKRLENNYYWNAQECIQDFNTMFTNCYIYNKPGDDIVLMAEALEKLFLQKINELPTEE
;
_entity_poly.pdbx_strand_id   A,B,C
#
# COMPACT_ATOMS: atom_id res chain seq x y z
N GLN A 32 0.96 2.42 31.43
CA GLN A 32 1.51 3.81 31.23
C GLN A 32 2.35 3.92 29.93
N THR A 33 1.72 3.63 28.78
CA THR A 33 2.32 3.89 27.44
C THR A 33 1.39 4.85 26.67
N ASN A 34 1.93 5.51 25.64
CA ASN A 34 1.18 6.52 24.88
C ASN A 34 0.07 5.88 24.04
N GLN A 35 -1.06 6.57 24.00
CA GLN A 35 -2.29 6.01 23.45
C GLN A 35 -2.32 6.10 21.92
N LEU A 36 -1.94 7.25 21.38
CA LEU A 36 -1.79 7.43 19.95
C LEU A 36 -0.80 6.44 19.33
N GLN A 37 0.30 6.16 20.02
CA GLN A 37 1.21 5.08 19.62
C GLN A 37 0.49 3.75 19.54
N TYR A 38 -0.28 3.44 20.59
CA TYR A 38 -1.06 2.21 20.64
C TYR A 38 -2.01 2.16 19.43
N LEU A 39 -2.72 3.27 19.19
CA LEU A 39 -3.64 3.37 18.05
C LEU A 39 -2.99 3.09 16.71
N LEU A 40 -1.76 3.55 16.52
CA LEU A 40 -1.07 3.36 15.26
C LEU A 40 -0.51 1.95 15.11
N ARG A 41 0.31 1.55 16.07
CA ARG A 41 1.06 0.31 15.97
C ARG A 41 0.27 -0.96 16.23
N VAL A 42 -0.80 -0.86 17.02
CA VAL A 42 -1.63 -2.02 17.41
C VAL A 42 -3.03 -1.98 16.78
N VAL A 43 -3.85 -0.98 17.15
CA VAL A 43 -5.26 -0.90 16.69
C VAL A 43 -5.34 -0.84 15.15
N LEU A 44 -4.70 0.17 14.56
CA LEU A 44 -4.75 0.38 13.11
C LEU A 44 -4.06 -0.74 12.37
N LYS A 45 -2.86 -1.13 12.82
CA LYS A 45 -2.17 -2.28 12.25
C LYS A 45 -3.09 -3.51 12.18
N THR A 46 -3.76 -3.84 13.28
CA THR A 46 -4.62 -5.04 13.32
C THR A 46 -5.76 -4.96 12.30
N LEU A 47 -6.45 -3.82 12.30
CA LEU A 47 -7.57 -3.57 11.40
C LEU A 47 -7.14 -3.50 9.95
N TRP A 48 -5.98 -2.92 9.70
CA TRP A 48 -5.47 -2.75 8.34
C TRP A 48 -5.16 -4.10 7.67
N LYS A 49 -4.62 -5.05 8.44
CA LYS A 49 -4.27 -6.39 7.92
C LYS A 49 -5.47 -7.33 7.83
N HIS A 50 -6.63 -6.91 8.27
CA HIS A 50 -7.79 -7.75 8.26
C HIS A 50 -8.26 -8.00 6.83
N GLN A 51 -8.83 -9.18 6.63
CA GLN A 51 -9.47 -9.60 5.38
C GLN A 51 -10.46 -8.57 4.80
N PHE A 52 -11.19 -7.89 5.68
CA PHE A 52 -12.28 -6.99 5.28
C PHE A 52 -11.88 -5.51 5.19
N ALA A 53 -10.60 -5.19 5.34
CA ALA A 53 -10.15 -3.79 5.38
C ALA A 53 -10.16 -3.04 4.05
N TRP A 54 -9.95 -3.74 2.94
CA TRP A 54 -9.69 -3.07 1.65
C TRP A 54 -10.70 -1.97 1.22
N PRO A 55 -12.02 -2.14 1.48
CA PRO A 55 -12.97 -1.07 1.09
C PRO A 55 -12.91 0.17 1.96
N PHE A 56 -12.21 0.05 3.09
CA PHE A 56 -12.03 1.13 4.05
C PHE A 56 -10.62 1.69 4.10
N GLN A 57 -9.71 1.23 3.23
CA GLN A 57 -8.33 1.76 3.24
C GLN A 57 -8.16 3.06 2.46
N GLN A 58 -9.23 3.54 1.83
CA GLN A 58 -9.22 4.82 1.13
C GLN A 58 -10.64 5.39 1.04
N PRO A 59 -10.77 6.69 0.75
CA PRO A 59 -12.11 7.26 0.62
C PRO A 59 -12.97 6.56 -0.38
N VAL A 60 -14.27 6.63 -0.15
CA VAL A 60 -15.24 6.05 -1.03
C VAL A 60 -15.22 6.90 -2.27
N ASP A 61 -14.76 6.33 -3.39
CA ASP A 61 -14.71 7.07 -4.65
C ASP A 61 -16.10 7.04 -5.26
N ALA A 62 -16.87 8.11 -5.03
CA ALA A 62 -18.27 8.16 -5.46
C ALA A 62 -18.44 8.27 -6.98
N VAL A 63 -17.45 8.82 -7.67
CA VAL A 63 -17.44 8.91 -9.15
C VAL A 63 -17.29 7.51 -9.77
N LYS A 64 -16.22 6.80 -9.42
CA LYS A 64 -16.02 5.40 -9.85
C LYS A 64 -17.25 4.56 -9.69
N LEU A 65 -17.81 4.61 -8.49
CA LEU A 65 -18.89 3.71 -8.09
C LEU A 65 -20.26 4.24 -8.53
N ASN A 66 -20.28 5.46 -9.07
CA ASN A 66 -21.49 6.12 -9.57
C ASN A 66 -22.52 6.30 -8.42
N LEU A 67 -22.11 7.09 -7.43
CA LEU A 67 -22.87 7.35 -6.20
C LEU A 67 -22.98 8.87 -6.00
N PRO A 68 -23.92 9.52 -6.71
CA PRO A 68 -23.97 11.00 -6.66
C PRO A 68 -24.43 11.57 -5.29
N ASP A 69 -25.20 10.79 -4.54
CA ASP A 69 -25.74 11.22 -3.24
C ASP A 69 -24.81 10.97 -2.02
N TYR A 70 -23.76 10.16 -2.17
CA TYR A 70 -22.90 9.77 -1.05
C TYR A 70 -22.35 10.97 -0.28
N TYR A 71 -21.79 11.94 -0.98
CA TYR A 71 -21.16 13.07 -0.32
C TYR A 71 -22.16 14.12 0.14
N LYS A 72 -23.40 14.04 -0.34
CA LYS A 72 -24.49 14.87 0.18
C LYS A 72 -25.03 14.31 1.50
N ILE A 73 -25.27 13.00 1.51
CA ILE A 73 -25.66 12.27 2.72
C ILE A 73 -24.57 12.21 3.81
N ILE A 74 -23.34 11.89 3.44
CA ILE A 74 -22.23 11.75 4.39
C ILE A 74 -21.45 13.08 4.50
N LYS A 75 -21.82 13.86 5.52
CA LYS A 75 -21.16 15.13 5.84
C LYS A 75 -19.68 15.07 6.26
N THR A 76 -19.21 13.92 6.77
CA THR A 76 -17.85 13.78 7.32
C THR A 76 -17.26 12.46 6.85
N PRO A 77 -16.76 12.42 5.62
CA PRO A 77 -16.13 11.21 5.16
C PRO A 77 -14.97 10.75 6.05
N MET A 78 -14.84 9.44 6.19
CA MET A 78 -13.71 8.85 6.88
C MET A 78 -13.37 7.50 6.34
N ASP A 79 -12.08 7.21 6.44
CA ASP A 79 -11.52 5.92 6.06
C ASP A 79 -10.21 5.70 6.83
N MET A 80 -9.75 4.47 6.86
CA MET A 80 -8.53 4.14 7.57
C MET A 80 -7.29 4.76 6.92
N GLY A 81 -7.34 5.04 5.62
CA GLY A 81 -6.23 5.73 4.95
C GLY A 81 -5.97 7.11 5.54
N THR A 82 -7.02 7.89 5.71
CA THR A 82 -6.95 9.22 6.29
C THR A 82 -6.55 9.15 7.78
N ILE A 83 -7.04 8.15 8.50
CA ILE A 83 -6.68 7.98 9.91
C ILE A 83 -5.19 7.66 10.01
N LYS A 84 -4.73 6.78 9.15
CA LYS A 84 -3.30 6.48 9.07
C LYS A 84 -2.49 7.74 8.79
N LYS A 85 -2.87 8.49 7.75
CA LYS A 85 -2.18 9.73 7.42
C LYS A 85 -2.14 10.64 8.64
N ARG A 86 -3.28 10.79 9.32
CA ARG A 86 -3.37 11.65 10.48
C ARG A 86 -2.50 11.23 11.66
N LEU A 87 -2.41 9.94 11.91
CA LEU A 87 -1.52 9.43 12.96
C LEU A 87 -0.07 9.61 12.57
N GLU A 88 0.24 9.40 11.30
CA GLU A 88 1.61 9.56 10.83
C GLU A 88 2.05 11.03 10.81
N ASN A 89 1.10 11.96 10.71
CA ASN A 89 1.42 13.37 10.49
C ASN A 89 0.99 14.31 11.61
N ASN A 90 0.88 13.77 12.83
CA ASN A 90 0.64 14.60 14.04
C ASN A 90 -0.62 15.45 13.98
N TYR A 91 -1.69 14.93 13.39
CA TYR A 91 -2.91 15.73 13.24
C TYR A 91 -3.71 15.80 14.54
N TYR A 92 -3.80 14.68 15.24
CA TYR A 92 -4.77 14.55 16.33
C TYR A 92 -4.35 15.28 17.61
N TRP A 93 -5.29 16.04 18.17
CA TRP A 93 -5.15 16.62 19.51
C TRP A 93 -4.93 15.56 20.59
N ASN A 94 -5.72 14.49 20.54
CA ASN A 94 -5.62 13.39 21.51
C ASN A 94 -6.17 12.08 20.93
N ALA A 95 -6.00 10.99 21.67
CA ALA A 95 -6.53 9.71 21.24
C ALA A 95 -8.04 9.63 21.06
N GLN A 96 -8.82 10.43 21.79
CA GLN A 96 -10.29 10.39 21.64
C GLN A 96 -10.71 10.93 20.29
N GLU A 97 -9.99 11.91 19.76
CA GLU A 97 -10.30 12.45 18.43
C GLU A 97 -10.08 11.41 17.33
N CYS A 98 -9.03 10.60 17.50
CA CYS A 98 -8.77 9.49 16.61
C CYS A 98 -9.83 8.38 16.75
N ILE A 99 -10.21 8.07 17.98
CA ILE A 99 -11.27 7.07 18.21
C ILE A 99 -12.59 7.52 17.58
N GLN A 100 -12.88 8.81 17.66
CA GLN A 100 -14.08 9.37 17.06
C GLN A 100 -14.10 9.19 15.53
N ASP A 101 -12.92 9.30 14.90
CA ASP A 101 -12.79 9.13 13.44
C ASP A 101 -13.06 7.70 13.03
N PHE A 102 -12.46 6.75 13.76
CA PHE A 102 -12.80 5.32 13.58
C PHE A 102 -14.30 5.13 13.69
N ASN A 103 -14.93 5.71 14.72
CA ASN A 103 -16.38 5.53 14.89
C ASN A 103 -17.18 6.18 13.76
N THR A 104 -16.71 7.34 13.28
CA THR A 104 -17.36 7.99 12.12
C THR A 104 -17.33 7.10 10.86
N MET A 105 -16.20 6.44 10.63
CA MET A 105 -16.07 5.56 9.47
C MET A 105 -17.11 4.44 9.52
N PHE A 106 -17.28 3.84 10.69
CA PHE A 106 -18.24 2.76 10.81
C PHE A 106 -19.67 3.29 10.65
N THR A 107 -20.03 4.35 11.36
CA THR A 107 -21.40 4.86 11.24
C THR A 107 -21.70 5.45 9.88
N ASN A 108 -20.72 6.07 9.23
CA ASN A 108 -20.88 6.49 7.84
C ASN A 108 -21.37 5.32 6.99
N CYS A 109 -20.75 4.16 7.18
CA CYS A 109 -21.08 2.97 6.41
C CYS A 109 -22.47 2.46 6.74
N TYR A 110 -22.85 2.47 8.02
CA TYR A 110 -24.20 2.03 8.41
C TYR A 110 -25.29 3.02 7.97
N ILE A 111 -24.96 4.31 7.90
CA ILE A 111 -25.91 5.30 7.38
C ILE A 111 -26.18 5.16 5.88
N TYR A 112 -25.14 4.99 5.07
CA TYR A 112 -25.31 5.04 3.64
C TYR A 112 -25.92 3.74 3.10
N ASN A 113 -25.61 2.61 3.71
CA ASN A 113 -25.91 1.30 3.13
C ASN A 113 -27.05 0.63 3.87
N LYS A 114 -27.81 -0.23 3.17
CA LYS A 114 -28.96 -0.94 3.78
C LYS A 114 -28.40 -1.98 4.78
N PRO A 115 -29.11 -2.23 5.91
CA PRO A 115 -28.59 -3.25 6.83
C PRO A 115 -28.58 -4.60 6.15
N GLY A 116 -27.58 -5.43 6.43
CA GLY A 116 -27.49 -6.72 5.75
C GLY A 116 -26.70 -6.72 4.46
N ASP A 117 -26.52 -5.57 3.82
CA ASP A 117 -25.47 -5.40 2.80
C ASP A 117 -24.13 -5.96 3.28
N ASP A 118 -23.33 -6.44 2.34
CA ASP A 118 -22.06 -7.09 2.63
C ASP A 118 -21.05 -6.09 3.20
N ILE A 119 -21.04 -4.88 2.66
CA ILE A 119 -20.18 -3.83 3.21
C ILE A 119 -20.47 -3.57 4.70
N VAL A 120 -21.75 -3.67 5.10
CA VAL A 120 -22.14 -3.47 6.50
C VAL A 120 -21.63 -4.58 7.41
N LEU A 121 -21.72 -5.82 6.93
CA LEU A 121 -21.22 -6.99 7.66
C LEU A 121 -19.72 -6.91 7.86
N MET A 122 -19.03 -6.41 6.83
CA MET A 122 -17.59 -6.20 6.90
C MET A 122 -17.22 -5.13 7.95
N ALA A 123 -17.97 -4.04 7.96
CA ALA A 123 -17.76 -2.96 8.93
C ALA A 123 -18.03 -3.45 10.34
N GLU A 124 -19.10 -4.23 10.50
CA GLU A 124 -19.48 -4.77 11.82
C GLU A 124 -18.37 -5.66 12.38
N ALA A 125 -17.76 -6.44 11.51
CA ALA A 125 -16.61 -7.28 11.86
C ALA A 125 -15.41 -6.43 12.28
N LEU A 126 -15.09 -5.43 11.47
CA LEU A 126 -14.02 -4.49 11.82
C LEU A 126 -14.32 -3.77 13.12
N GLU A 127 -15.57 -3.36 13.34
CA GLU A 127 -15.92 -2.64 14.56
C GLU A 127 -15.75 -3.51 15.82
N LYS A 128 -16.16 -4.77 15.73
CA LYS A 128 -16.00 -5.72 16.84
C LYS A 128 -14.50 -5.79 17.23
N LEU A 129 -13.66 -6.03 16.24
CA LEU A 129 -12.21 -6.11 16.44
C LEU A 129 -11.64 -4.81 17.00
N PHE A 130 -12.15 -3.69 16.46
CA PHE A 130 -11.75 -2.36 16.91
C PHE A 130 -12.01 -2.23 18.41
N LEU A 131 -13.22 -2.58 18.85
CA LEU A 131 -13.61 -2.45 20.26
C LEU A 131 -12.86 -3.41 21.20
N GLN A 132 -12.51 -4.60 20.71
CA GLN A 132 -11.67 -5.52 21.47
C GLN A 132 -10.31 -4.90 21.73
N LYS A 133 -9.67 -4.45 20.64
CA LYS A 133 -8.33 -3.86 20.73
C LYS A 133 -8.28 -2.58 21.55
N ILE A 134 -9.36 -1.80 21.51
CA ILE A 134 -9.52 -0.59 22.33
C ILE A 134 -9.60 -0.93 23.82
N ASN A 135 -10.25 -2.03 24.18
CA ASN A 135 -10.38 -2.46 25.60
C ASN A 135 -9.10 -3.00 26.22
N GLU A 136 -7.99 -3.01 25.47
CA GLU A 136 -6.66 -3.24 26.02
C GLU A 136 -5.79 -1.95 25.98
N LEU A 137 -6.43 -0.78 25.82
CA LEU A 137 -5.72 0.49 25.62
C LEU A 137 -5.01 0.91 26.92
N PRO A 138 -3.70 1.25 26.84
CA PRO A 138 -2.98 1.85 27.99
C PRO A 138 -3.55 3.19 28.51
N THR A 139 -3.03 3.66 29.64
CA THR A 139 -3.62 4.81 30.34
C THR A 139 -2.61 5.51 31.25
N THR B 33 -1.27 4.82 -35.23
CA THR B 33 -2.48 4.46 -36.02
C THR B 33 -3.75 4.99 -35.30
N ASN B 34 -4.77 5.30 -36.07
CA ASN B 34 -6.08 5.68 -35.49
C ASN B 34 -6.81 4.51 -34.82
N GLN B 35 -6.43 3.27 -35.11
CA GLN B 35 -6.93 2.10 -34.36
C GLN B 35 -6.55 2.17 -32.87
N LEU B 36 -5.31 2.54 -32.58
CA LEU B 36 -4.85 2.71 -31.20
C LEU B 36 -5.51 3.92 -30.52
N GLN B 37 -5.71 5.00 -31.28
CA GLN B 37 -6.54 6.11 -30.79
C GLN B 37 -7.94 5.67 -30.36
N TYR B 38 -8.55 4.80 -31.17
CA TYR B 38 -9.91 4.33 -30.90
C TYR B 38 -9.96 3.52 -29.61
N LEU B 39 -8.94 2.69 -29.40
CA LEU B 39 -8.84 1.88 -28.18
C LEU B 39 -8.68 2.74 -26.94
N LEU B 40 -7.98 3.86 -27.06
CA LEU B 40 -7.80 4.79 -25.96
C LEU B 40 -9.04 5.63 -25.72
N ARG B 41 -9.49 6.34 -26.75
CA ARG B 41 -10.59 7.31 -26.61
C ARG B 41 -12.00 6.72 -26.51
N VAL B 42 -12.25 5.57 -27.11
CA VAL B 42 -13.58 4.97 -27.14
C VAL B 42 -13.69 3.68 -26.30
N VAL B 43 -12.87 2.69 -26.60
CA VAL B 43 -12.99 1.37 -25.95
C VAL B 43 -12.63 1.44 -24.46
N LEU B 44 -11.40 1.86 -24.17
CA LEU B 44 -10.91 2.00 -22.81
C LEU B 44 -11.75 2.98 -21.97
N LYS B 45 -12.14 4.11 -22.54
CA LYS B 45 -12.97 5.08 -21.81
C LYS B 45 -14.35 4.52 -21.50
N THR B 46 -14.96 3.79 -22.43
CA THR B 46 -16.26 3.18 -22.15
C THR B 46 -16.16 2.18 -20.99
N LEU B 47 -15.15 1.33 -21.03
CA LEU B 47 -14.98 0.29 -20.01
C LEU B 47 -14.62 0.85 -18.65
N TRP B 48 -13.83 1.92 -18.64
CA TRP B 48 -13.35 2.54 -17.40
C TRP B 48 -14.45 3.23 -16.58
N LYS B 49 -15.39 3.85 -17.30
CA LYS B 49 -16.51 4.58 -16.70
C LYS B 49 -17.61 3.65 -16.22
N HIS B 50 -17.58 2.40 -16.64
CA HIS B 50 -18.62 1.44 -16.28
C HIS B 50 -18.56 1.18 -14.76
N GLN B 51 -19.70 0.82 -14.18
CA GLN B 51 -19.81 0.63 -12.72
C GLN B 51 -18.98 -0.57 -12.23
N PHE B 52 -18.90 -1.60 -13.08
CA PHE B 52 -18.12 -2.80 -12.83
C PHE B 52 -16.61 -2.69 -13.11
N ALA B 53 -16.13 -1.53 -13.55
CA ALA B 53 -14.71 -1.35 -13.86
C ALA B 53 -13.75 -1.45 -12.69
N TRP B 54 -14.14 -0.93 -11.54
CA TRP B 54 -13.17 -0.67 -10.44
C TRP B 54 -12.21 -1.84 -10.04
N PRO B 55 -12.69 -3.11 -10.02
CA PRO B 55 -11.75 -4.20 -9.65
C PRO B 55 -10.69 -4.52 -10.72
N PHE B 56 -10.88 -4.01 -11.93
CA PHE B 56 -9.93 -4.18 -13.01
C PHE B 56 -9.11 -2.93 -13.35
N GLN B 57 -9.18 -1.87 -12.54
CA GLN B 57 -8.47 -0.61 -12.84
C GLN B 57 -7.03 -0.61 -12.31
N GLN B 58 -6.66 -1.65 -11.59
CA GLN B 58 -5.29 -1.82 -11.09
C GLN B 58 -5.02 -3.31 -10.96
N PRO B 59 -3.76 -3.69 -10.75
CA PRO B 59 -3.48 -5.12 -10.47
C PRO B 59 -4.27 -5.65 -9.29
N VAL B 60 -4.57 -6.94 -9.31
CA VAL B 60 -5.15 -7.61 -8.15
C VAL B 60 -4.12 -7.51 -7.03
N ASP B 61 -4.49 -6.95 -5.88
CA ASP B 61 -3.56 -6.89 -4.73
C ASP B 61 -3.81 -8.14 -3.91
N ALA B 62 -2.94 -9.13 -4.14
CA ALA B 62 -3.09 -10.46 -3.55
C ALA B 62 -2.64 -10.51 -2.08
N VAL B 63 -1.81 -9.55 -1.69
CA VAL B 63 -1.37 -9.40 -0.30
C VAL B 63 -2.57 -9.06 0.58
N LYS B 64 -3.21 -7.93 0.25
CA LYS B 64 -4.35 -7.46 1.02
C LYS B 64 -5.65 -8.20 0.76
N LEU B 65 -5.64 -9.24 -0.06
CA LEU B 65 -6.80 -10.12 -0.18
C LEU B 65 -6.53 -11.53 0.38
N ASN B 66 -5.32 -11.80 0.88
CA ASN B 66 -4.88 -13.17 1.29
C ASN B 66 -4.98 -14.18 0.15
N LEU B 67 -4.40 -13.86 -1.00
CA LEU B 67 -4.39 -14.75 -2.17
C LEU B 67 -2.93 -15.11 -2.53
N PRO B 68 -2.29 -16.01 -1.77
CA PRO B 68 -0.86 -16.30 -1.98
C PRO B 68 -0.60 -17.09 -3.28
N ASP B 69 -1.61 -17.83 -3.74
CA ASP B 69 -1.56 -18.61 -4.97
C ASP B 69 -1.89 -17.82 -6.26
N TYR B 70 -2.47 -16.61 -6.17
CA TYR B 70 -2.91 -15.85 -7.36
C TYR B 70 -1.79 -15.63 -8.38
N TYR B 71 -0.70 -15.01 -7.95
CA TYR B 71 0.40 -14.73 -8.87
C TYR B 71 1.23 -15.95 -9.26
N LYS B 72 0.92 -17.12 -8.69
CA LYS B 72 1.50 -18.39 -9.11
C LYS B 72 0.59 -19.08 -10.14
N ILE B 73 -0.73 -18.99 -9.98
CA ILE B 73 -1.68 -19.49 -11.00
C ILE B 73 -1.75 -18.58 -12.23
N ILE B 74 -1.72 -17.26 -12.04
CA ILE B 74 -1.79 -16.30 -13.15
C ILE B 74 -0.38 -15.91 -13.59
N LYS B 75 -0.02 -16.38 -14.79
CA LYS B 75 1.34 -16.29 -15.31
C LYS B 75 1.60 -14.88 -15.84
N THR B 76 0.63 -14.34 -16.59
CA THR B 76 0.70 -12.97 -17.13
C THR B 76 -0.50 -12.13 -16.64
N PRO B 77 -0.34 -11.45 -15.50
CA PRO B 77 -1.44 -10.65 -14.99
C PRO B 77 -1.68 -9.40 -15.84
N MET B 78 -2.92 -8.92 -15.88
CA MET B 78 -3.25 -7.73 -16.64
C MET B 78 -4.51 -7.04 -16.09
N ASP B 79 -4.53 -5.72 -16.25
CA ASP B 79 -5.59 -4.83 -15.78
C ASP B 79 -5.69 -3.60 -16.69
N MET B 80 -6.79 -2.86 -16.58
CA MET B 80 -6.99 -1.67 -17.39
C MET B 80 -6.03 -0.52 -17.06
N GLY B 81 -5.56 -0.46 -15.81
CA GLY B 81 -4.57 0.54 -15.44
C GLY B 81 -3.28 0.42 -16.23
N THR B 82 -2.81 -0.81 -16.36
CA THR B 82 -1.63 -1.13 -17.16
C THR B 82 -1.87 -0.89 -18.67
N ILE B 83 -2.98 -1.42 -19.16
CA ILE B 83 -3.37 -1.18 -20.54
C ILE B 83 -3.39 0.33 -20.83
N LYS B 84 -3.92 1.11 -19.88
CA LYS B 84 -3.97 2.57 -20.01
C LYS B 84 -2.58 3.17 -20.07
N LYS B 85 -1.67 2.75 -19.19
CA LYS B 85 -0.26 3.26 -19.23
C LYS B 85 0.42 2.92 -20.54
N ARG B 86 0.14 1.73 -21.07
CA ARG B 86 0.70 1.29 -22.34
C ARG B 86 0.23 2.10 -23.54
N LEU B 87 -1.06 2.41 -23.57
CA LEU B 87 -1.57 3.29 -24.62
C LEU B 87 -0.96 4.69 -24.48
N GLU B 88 -0.91 5.19 -23.25
CA GLU B 88 -0.37 6.53 -23.00
C GLU B 88 1.13 6.63 -23.27
N ASN B 89 1.86 5.51 -23.09
CA ASN B 89 3.32 5.51 -23.17
C ASN B 89 3.94 4.75 -24.35
N ASN B 90 3.18 4.67 -25.46
CA ASN B 90 3.71 4.18 -26.75
C ASN B 90 4.27 2.75 -26.71
N TYR B 91 3.68 1.89 -25.88
CA TYR B 91 4.22 0.56 -25.65
C TYR B 91 3.95 -0.40 -26.80
N TYR B 92 2.68 -0.42 -27.23
CA TYR B 92 2.15 -1.43 -28.13
C TYR B 92 2.71 -1.39 -29.56
N TRP B 93 3.01 -2.57 -30.12
CA TRP B 93 3.41 -2.70 -31.52
C TRP B 93 2.27 -2.30 -32.44
N ASN B 94 1.04 -2.61 -32.05
CA ASN B 94 -0.12 -2.17 -32.80
C ASN B 94 -1.39 -2.44 -31.99
N ALA B 95 -2.56 -2.10 -32.53
CA ALA B 95 -3.82 -2.30 -31.82
C ALA B 95 -4.13 -3.76 -31.43
N GLN B 96 -3.63 -4.72 -32.17
CA GLN B 96 -3.94 -6.13 -31.88
C GLN B 96 -3.23 -6.63 -30.62
N GLU B 97 -2.07 -6.06 -30.29
CA GLU B 97 -1.38 -6.38 -29.05
C GLU B 97 -2.13 -5.82 -27.84
N CYS B 98 -2.77 -4.67 -28.01
CA CYS B 98 -3.62 -4.10 -26.97
C CYS B 98 -4.88 -4.92 -26.79
N ILE B 99 -5.50 -5.34 -27.89
CA ILE B 99 -6.64 -6.27 -27.81
C ILE B 99 -6.26 -7.58 -27.08
N GLN B 100 -5.07 -8.11 -27.34
CA GLN B 100 -4.60 -9.30 -26.62
C GLN B 100 -4.63 -9.04 -25.12
N ASP B 101 -4.17 -7.85 -24.70
CA ASP B 101 -4.17 -7.49 -23.28
C ASP B 101 -5.55 -7.46 -22.63
N PHE B 102 -6.55 -6.91 -23.33
CA PHE B 102 -7.92 -6.99 -22.83
C PHE B 102 -8.37 -8.46 -22.64
N ASN B 103 -8.09 -9.31 -23.62
CA ASN B 103 -8.46 -10.73 -23.53
C ASN B 103 -7.77 -11.43 -22.36
N THR B 104 -6.51 -11.11 -22.12
CA THR B 104 -5.77 -11.70 -21.01
C THR B 104 -6.42 -11.33 -19.69
N MET B 105 -6.77 -10.05 -19.53
CA MET B 105 -7.47 -9.57 -18.33
C MET B 105 -8.75 -10.36 -18.07
N PHE B 106 -9.58 -10.52 -19.09
CA PHE B 106 -10.84 -11.24 -18.90
C PHE B 106 -10.59 -12.73 -18.58
N THR B 107 -9.74 -13.39 -19.36
CA THR B 107 -9.51 -14.82 -19.15
C THR B 107 -8.75 -15.10 -17.85
N ASN B 108 -7.79 -14.24 -17.47
CA ASN B 108 -7.22 -14.32 -16.13
C ASN B 108 -8.30 -14.43 -15.04
N CYS B 109 -9.31 -13.56 -15.14
CA CYS B 109 -10.42 -13.59 -14.21
C CYS B 109 -11.14 -14.93 -14.25
N TYR B 110 -11.49 -15.41 -15.45
CA TYR B 110 -12.19 -16.70 -15.62
C TYR B 110 -11.34 -17.90 -15.18
N ILE B 111 -10.02 -17.80 -15.31
CA ILE B 111 -9.11 -18.85 -14.85
C ILE B 111 -9.10 -18.98 -13.34
N TYR B 112 -8.89 -17.86 -12.63
CA TYR B 112 -8.76 -17.87 -11.16
C TYR B 112 -10.08 -18.12 -10.39
N ASN B 113 -11.19 -17.64 -10.93
CA ASN B 113 -12.43 -17.51 -10.17
C ASN B 113 -13.47 -18.53 -10.63
N LYS B 114 -14.37 -18.93 -9.72
CA LYS B 114 -15.41 -19.90 -10.06
C LYS B 114 -16.46 -19.23 -10.95
N PRO B 115 -17.05 -19.97 -11.90
CA PRO B 115 -18.18 -19.36 -12.62
C PRO B 115 -19.34 -19.06 -11.67
N GLY B 116 -20.06 -17.97 -11.92
CA GLY B 116 -21.12 -17.51 -11.02
C GLY B 116 -20.68 -16.50 -9.97
N ASP B 117 -19.41 -16.54 -9.56
CA ASP B 117 -18.84 -15.53 -8.63
C ASP B 117 -19.15 -14.10 -9.08
N ASP B 118 -19.22 -13.19 -8.10
CA ASP B 118 -19.51 -11.77 -8.35
C ASP B 118 -18.63 -11.23 -9.48
N ILE B 119 -17.31 -11.37 -9.27
CA ILE B 119 -16.34 -10.78 -10.18
C ILE B 119 -16.34 -11.40 -11.57
N VAL B 120 -16.64 -12.69 -11.68
CA VAL B 120 -16.75 -13.30 -12.99
C VAL B 120 -17.90 -12.66 -13.77
N LEU B 121 -19.08 -12.51 -13.17
CA LEU B 121 -20.22 -11.85 -13.84
C LEU B 121 -19.92 -10.39 -14.24
N MET B 122 -19.10 -9.72 -13.43
CA MET B 122 -18.64 -8.38 -13.74
C MET B 122 -17.71 -8.35 -14.95
N ALA B 123 -16.72 -9.24 -14.95
CA ALA B 123 -15.83 -9.43 -16.09
C ALA B 123 -16.63 -9.73 -17.36
N GLU B 124 -17.58 -10.65 -17.27
CA GLU B 124 -18.45 -11.01 -18.40
C GLU B 124 -19.23 -9.80 -18.94
N ALA B 125 -19.79 -8.98 -18.07
CA ALA B 125 -20.44 -7.74 -18.51
C ALA B 125 -19.47 -6.81 -19.26
N LEU B 126 -18.27 -6.63 -18.72
CA LEU B 126 -17.24 -5.80 -19.35
C LEU B 126 -16.78 -6.39 -20.68
N GLU B 127 -16.61 -7.72 -20.75
CA GLU B 127 -16.17 -8.39 -21.96
C GLU B 127 -17.19 -8.24 -23.07
N LYS B 128 -18.47 -8.40 -22.73
CA LYS B 128 -19.55 -8.22 -23.71
C LYS B 128 -19.54 -6.80 -24.30
N LEU B 129 -19.35 -5.81 -23.43
CA LEU B 129 -19.29 -4.42 -23.84
C LEU B 129 -18.08 -4.13 -24.72
N PHE B 130 -16.94 -4.72 -24.36
CA PHE B 130 -15.70 -4.62 -25.13
C PHE B 130 -15.88 -5.17 -26.54
N LEU B 131 -16.50 -6.35 -26.66
CA LEU B 131 -16.75 -6.95 -27.98
C LEU B 131 -17.68 -6.11 -28.85
N GLN B 132 -18.64 -5.42 -28.25
CA GLN B 132 -19.48 -4.47 -28.98
C GLN B 132 -18.63 -3.35 -29.56
N LYS B 133 -17.82 -2.71 -28.72
CA LYS B 133 -17.04 -1.55 -29.17
C LYS B 133 -15.93 -1.90 -30.19
N ILE B 134 -15.33 -3.07 -30.05
CA ILE B 134 -14.36 -3.59 -31.01
C ILE B 134 -14.95 -3.82 -32.42
N ASN B 135 -16.25 -4.09 -32.54
CA ASN B 135 -16.88 -4.28 -33.87
C ASN B 135 -16.86 -3.05 -34.75
N GLU B 136 -17.03 -1.84 -34.18
CA GLU B 136 -16.91 -0.58 -34.95
C GLU B 136 -15.47 0.00 -34.97
N LEU B 137 -14.45 -0.88 -34.88
CA LEU B 137 -13.04 -0.46 -34.92
C LEU B 137 -12.72 -0.11 -36.37
N PRO B 138 -12.13 1.09 -36.60
CA PRO B 138 -11.78 1.48 -37.99
C PRO B 138 -10.72 0.58 -38.67
N THR B 139 -10.64 0.66 -40.00
CA THR B 139 -9.72 -0.16 -40.79
C THR B 139 -8.72 0.72 -41.53
N GLN C 32 17.92 19.21 28.31
CA GLN C 32 16.94 18.09 28.45
C GLN C 32 16.12 17.88 27.13
N THR C 33 16.76 17.26 26.13
CA THR C 33 16.18 17.04 24.79
C THR C 33 15.77 15.56 24.51
N ASN C 34 14.80 15.36 23.61
CA ASN C 34 14.27 14.02 23.29
C ASN C 34 15.27 13.20 22.47
N GLN C 35 15.37 11.92 22.81
CA GLN C 35 16.22 10.98 22.11
C GLN C 35 15.85 10.86 20.63
N LEU C 36 14.57 10.66 20.35
CA LEU C 36 14.09 10.46 18.97
C LEU C 36 14.30 11.69 18.10
N GLN C 37 14.07 12.88 18.66
CA GLN C 37 14.44 14.15 17.97
C GLN C 37 15.90 14.18 17.57
N TYR C 38 16.77 13.83 18.51
CA TYR C 38 18.20 13.82 18.28
C TYR C 38 18.50 12.84 17.14
N LEU C 39 17.92 11.64 17.21
CA LEU C 39 18.11 10.63 16.16
C LEU C 39 17.80 11.10 14.72
N LEU C 40 16.77 11.93 14.58
CA LEU C 40 16.38 12.47 13.28
C LEU C 40 17.27 13.63 12.83
N ARG C 41 17.36 14.67 13.67
CA ARG C 41 18.07 15.90 13.30
C ARG C 41 19.59 15.79 13.33
N VAL C 42 20.15 14.92 14.16
CA VAL C 42 21.58 14.84 14.32
C VAL C 42 22.12 13.53 13.73
N VAL C 43 21.69 12.40 14.27
CA VAL C 43 22.32 11.11 13.94
C VAL C 43 22.06 10.77 12.47
N LEU C 44 20.79 10.63 12.09
CA LEU C 44 20.40 10.32 10.72
C LEU C 44 20.91 11.35 9.73
N LYS C 45 20.76 12.63 10.07
CA LYS C 45 21.21 13.74 9.22
C LYS C 45 22.67 13.57 8.84
N THR C 46 23.53 13.35 9.83
CA THR C 46 24.96 13.14 9.60
C THR C 46 25.21 11.95 8.68
N LEU C 47 24.63 10.79 9.03
CA LEU C 47 24.81 9.58 8.22
C LEU C 47 24.30 9.74 6.79
N TRP C 48 23.16 10.41 6.64
CA TRP C 48 22.52 10.57 5.34
C TRP C 48 23.39 11.36 4.37
N LYS C 49 23.99 12.44 4.86
CA LYS C 49 24.81 13.33 4.04
C LYS C 49 26.22 12.78 3.77
N HIS C 50 26.66 11.77 4.52
CA HIS C 50 27.96 11.11 4.30
C HIS C 50 28.07 10.55 2.87
N GLN C 51 29.28 10.57 2.32
CA GLN C 51 29.50 10.21 0.90
C GLN C 51 29.15 8.74 0.55
N PHE C 52 29.37 7.82 1.50
CA PHE C 52 28.99 6.41 1.34
C PHE C 52 27.54 6.06 1.70
N ALA C 53 26.64 7.04 1.82
CA ALA C 53 25.26 6.81 2.25
C ALA C 53 24.36 6.20 1.16
N TRP C 54 24.60 6.58 -0.09
CA TRP C 54 23.67 6.30 -1.18
C TRP C 54 23.21 4.85 -1.41
N PRO C 55 24.07 3.84 -1.17
CA PRO C 55 23.53 2.48 -1.32
C PRO C 55 22.60 2.04 -0.19
N PHE C 56 22.58 2.80 0.92
CA PHE C 56 21.76 2.50 2.09
C PHE C 56 20.55 3.43 2.26
N GLN C 57 20.26 4.25 1.25
CA GLN C 57 19.20 5.29 1.32
C GLN C 57 17.82 4.81 0.87
N GLN C 58 17.79 3.61 0.31
CA GLN C 58 16.55 2.94 -0.10
C GLN C 58 16.78 1.44 0.07
N PRO C 59 15.72 0.64 -0.06
CA PRO C 59 15.98 -0.79 0.00
C PRO C 59 16.95 -1.26 -1.08
N VAL C 60 17.54 -2.44 -0.87
CA VAL C 60 18.37 -3.07 -1.88
C VAL C 60 17.44 -3.58 -2.96
N ASP C 61 17.65 -3.14 -4.19
CA ASP C 61 16.76 -3.47 -5.32
C ASP C 61 17.23 -4.77 -5.98
N ALA C 62 16.68 -5.90 -5.51
CA ALA C 62 17.13 -7.24 -5.91
C ALA C 62 17.03 -7.50 -7.42
N VAL C 63 15.94 -7.05 -8.03
CA VAL C 63 15.78 -7.17 -9.49
C VAL C 63 16.85 -6.39 -10.29
N LYS C 64 17.06 -5.09 -9.99
CA LYS C 64 18.01 -4.27 -10.75
C LYS C 64 19.42 -4.85 -10.75
N LEU C 65 19.80 -5.43 -9.60
CA LEU C 65 21.15 -5.95 -9.42
C LEU C 65 21.30 -7.41 -9.83
N ASN C 66 20.17 -8.13 -9.94
CA ASN C 66 20.12 -9.56 -10.26
C ASN C 66 20.71 -10.37 -9.08
N LEU C 67 19.99 -10.32 -7.96
CA LEU C 67 20.41 -10.95 -6.68
C LEU C 67 19.23 -11.74 -6.08
N PRO C 68 18.76 -12.80 -6.77
CA PRO C 68 17.48 -13.49 -6.45
C PRO C 68 17.40 -14.11 -5.03
N ASP C 69 18.56 -14.45 -4.49
CA ASP C 69 18.67 -14.93 -3.11
C ASP C 69 18.40 -13.88 -2.04
N TYR C 70 18.82 -12.63 -2.25
CA TYR C 70 18.91 -11.61 -1.18
C TYR C 70 17.75 -11.63 -0.20
N TYR C 71 16.51 -11.61 -0.70
CA TYR C 71 15.33 -11.54 0.18
C TYR C 71 14.95 -12.85 0.87
N LYS C 72 15.43 -13.98 0.35
CA LYS C 72 15.34 -15.27 1.04
C LYS C 72 16.35 -15.35 2.19
N ILE C 73 17.60 -14.97 1.89
CA ILE C 73 18.70 -15.04 2.90
C ILE C 73 18.63 -13.89 3.94
N ILE C 74 18.24 -12.68 3.54
CA ILE C 74 18.02 -11.57 4.49
C ILE C 74 16.55 -11.44 4.83
N LYS C 75 16.21 -11.86 6.05
CA LYS C 75 14.88 -11.70 6.60
C LYS C 75 15.08 -10.50 7.50
N THR C 76 14.07 -9.63 7.59
CA THR C 76 14.22 -8.31 8.22
C THR C 76 15.18 -7.37 7.44
N PRO C 77 14.81 -6.99 6.20
CA PRO C 77 15.58 -5.95 5.49
C PRO C 77 15.50 -4.61 6.20
N MET C 78 16.42 -3.70 5.90
CA MET C 78 16.40 -2.37 6.47
C MET C 78 17.31 -1.42 5.74
N ASP C 79 16.89 -0.16 5.67
CA ASP C 79 17.68 0.90 5.05
C ASP C 79 17.35 2.23 5.73
N MET C 80 18.20 3.21 5.51
CA MET C 80 18.03 4.51 6.15
C MET C 80 16.77 5.23 5.67
N GLY C 81 16.36 4.96 4.43
CA GLY C 81 15.13 5.50 3.88
C GLY C 81 13.90 5.09 4.66
N THR C 82 13.86 3.81 5.05
CA THR C 82 12.78 3.26 5.90
C THR C 82 12.85 3.85 7.31
N ILE C 83 14.06 3.95 7.85
CA ILE C 83 14.27 4.50 9.18
C ILE C 83 13.76 5.94 9.21
N LYS C 84 14.09 6.70 8.16
CA LYS C 84 13.65 8.08 8.00
C LYS C 84 12.14 8.20 8.02
N LYS C 85 11.45 7.37 7.22
CA LYS C 85 9.99 7.32 7.23
C LYS C 85 9.46 7.03 8.63
N ARG C 86 10.05 6.03 9.29
CA ARG C 86 9.59 5.63 10.61
C ARG C 86 9.73 6.75 11.62
N LEU C 87 10.84 7.47 11.57
CA LEU C 87 11.04 8.63 12.41
C LEU C 87 10.05 9.72 12.07
N GLU C 88 9.80 9.93 10.79
CA GLU C 88 8.88 10.99 10.34
C GLU C 88 7.40 10.68 10.58
N ASN C 89 7.08 9.39 10.69
CA ASN C 89 5.69 8.96 10.78
C ASN C 89 5.32 8.33 12.14
N ASN C 90 5.99 8.74 13.21
CA ASN C 90 5.65 8.30 14.58
C ASN C 90 5.58 6.77 14.77
N TYR C 91 6.40 6.04 14.02
CA TYR C 91 6.37 4.58 14.09
C TYR C 91 6.94 4.11 15.42
N TYR C 92 8.12 4.62 15.78
CA TYR C 92 8.93 4.03 16.83
C TYR C 92 8.34 4.19 18.24
N TRP C 93 8.25 3.08 18.95
CA TRP C 93 7.89 3.07 20.37
C TRP C 93 8.84 3.93 21.21
N ASN C 94 10.14 3.72 21.00
CA ASN C 94 11.20 4.40 21.76
C ASN C 94 12.46 4.50 20.90
N ALA C 95 13.45 5.24 21.40
CA ALA C 95 14.73 5.37 20.69
C ALA C 95 15.45 4.04 20.50
N GLN C 96 15.29 3.11 21.44
CA GLN C 96 16.00 1.83 21.35
C GLN C 96 15.55 1.02 20.14
N GLU C 97 14.27 1.10 19.80
CA GLU C 97 13.73 0.41 18.62
C GLU C 97 14.31 0.97 17.30
N CYS C 98 14.53 2.28 17.27
CA CYS C 98 15.15 2.95 16.12
C CYS C 98 16.59 2.50 16.00
N ILE C 99 17.34 2.61 17.10
CA ILE C 99 18.75 2.19 17.13
C ILE C 99 18.90 0.75 16.61
N GLN C 100 18.04 -0.15 17.06
CA GLN C 100 18.10 -1.54 16.62
C GLN C 100 17.95 -1.68 15.10
N ASP C 101 17.12 -0.85 14.50
CA ASP C 101 16.98 -0.83 13.04
C ASP C 101 18.27 -0.43 12.33
N PHE C 102 19.02 0.51 12.89
CA PHE C 102 20.34 0.83 12.34
C PHE C 102 21.25 -0.39 12.41
N ASN C 103 21.29 -1.04 13.58
CA ASN C 103 22.12 -2.24 13.76
C ASN C 103 21.71 -3.32 12.74
N THR C 104 20.41 -3.55 12.62
CA THR C 104 19.85 -4.51 11.65
C THR C 104 20.31 -4.22 10.20
N MET C 105 20.37 -2.94 9.82
CA MET C 105 20.80 -2.56 8.47
C MET C 105 22.28 -2.91 8.26
N PHE C 106 23.13 -2.55 9.23
CA PHE C 106 24.56 -2.87 9.17
C PHE C 106 24.80 -4.37 9.14
N THR C 107 24.30 -5.08 10.15
CA THR C 107 24.50 -6.53 10.23
C THR C 107 23.92 -7.29 9.03
N ASN C 108 22.83 -6.80 8.41
CA ASN C 108 22.38 -7.36 7.11
C ASN C 108 23.47 -7.30 6.03
N CYS C 109 24.16 -6.17 5.96
CA CYS C 109 25.24 -5.97 4.98
C CYS C 109 26.41 -6.93 5.22
N TYR C 110 26.72 -7.18 6.49
CA TYR C 110 27.84 -8.05 6.88
C TYR C 110 27.56 -9.52 6.64
N ILE C 111 26.34 -9.98 6.93
CA ILE C 111 25.90 -11.32 6.54
C ILE C 111 26.05 -11.49 5.02
N TYR C 112 25.27 -10.73 4.26
CA TYR C 112 25.15 -10.96 2.81
C TYR C 112 26.46 -10.85 2.01
N ASN C 113 27.39 -10.00 2.44
CA ASN C 113 28.59 -9.75 1.65
C ASN C 113 29.83 -10.29 2.36
N LYS C 114 30.88 -10.61 1.59
CA LYS C 114 32.13 -11.14 2.17
C LYS C 114 32.84 -10.00 2.94
N PRO C 115 33.52 -10.32 4.07
CA PRO C 115 34.19 -9.27 4.89
C PRO C 115 35.32 -8.42 4.26
N GLY C 116 35.34 -8.27 2.93
CA GLY C 116 36.45 -7.59 2.24
C GLY C 116 36.02 -6.53 1.24
N ASP C 117 35.06 -6.87 0.37
CA ASP C 117 34.55 -5.99 -0.73
C ASP C 117 34.04 -4.58 -0.33
N ASP C 118 33.81 -3.73 -1.34
CA ASP C 118 33.50 -2.29 -1.18
C ASP C 118 32.34 -1.97 -0.21
N ILE C 119 31.19 -2.58 -0.47
CA ILE C 119 29.98 -2.31 0.31
C ILE C 119 30.22 -2.40 1.82
N VAL C 120 30.98 -3.40 2.29
CA VAL C 120 31.18 -3.59 3.74
C VAL C 120 32.13 -2.56 4.36
N LEU C 121 33.07 -2.02 3.58
CA LEU C 121 33.89 -0.91 4.07
C LEU C 121 32.99 0.29 4.29
N MET C 122 32.18 0.60 3.28
CA MET C 122 31.18 1.68 3.35
C MET C 122 30.29 1.55 4.60
N ALA C 123 29.82 0.33 4.86
CA ALA C 123 29.02 0.06 6.04
C ALA C 123 29.79 0.25 7.35
N GLU C 124 31.03 -0.24 7.38
CA GLU C 124 31.90 -0.10 8.56
C GLU C 124 32.25 1.35 8.87
N ALA C 125 32.45 2.15 7.82
CA ALA C 125 32.66 3.60 7.96
C ALA C 125 31.45 4.25 8.60
N LEU C 126 30.26 3.95 8.06
CA LEU C 126 29.01 4.50 8.59
C LEU C 126 28.73 4.03 10.01
N GLU C 127 28.99 2.75 10.31
CA GLU C 127 28.81 2.24 11.67
C GLU C 127 29.76 2.89 12.68
N LYS C 128 30.97 3.25 12.25
CA LYS C 128 31.90 4.00 13.12
C LYS C 128 31.25 5.32 13.50
N LEU C 129 30.78 6.03 12.47
CA LEU C 129 30.16 7.33 12.64
C LEU C 129 28.87 7.25 13.43
N PHE C 130 28.07 6.22 13.18
CA PHE C 130 26.86 5.95 13.94
C PHE C 130 27.16 5.85 15.43
N LEU C 131 28.03 4.91 15.80
CA LEU C 131 28.40 4.65 17.20
C LEU C 131 29.07 5.87 17.87
N GLN C 132 29.84 6.64 17.11
CA GLN C 132 30.36 7.95 17.57
C GLN C 132 29.22 8.86 18.00
N LYS C 133 28.30 9.08 17.07
CA LYS C 133 27.21 10.04 17.23
C LYS C 133 26.15 9.55 18.25
N ILE C 134 25.99 8.23 18.35
CA ILE C 134 25.13 7.62 19.37
C ILE C 134 25.59 7.90 20.80
N ASN C 135 26.89 8.06 21.02
CA ASN C 135 27.40 8.39 22.36
C ASN C 135 27.08 9.82 22.83
N GLU C 136 27.03 10.77 21.91
CA GLU C 136 26.56 12.14 22.23
C GLU C 136 25.14 12.18 22.85
N LEU C 137 24.25 11.27 22.42
CA LEU C 137 22.81 11.17 22.85
C LEU C 137 22.53 11.55 24.32
N PRO C 138 21.55 12.44 24.57
CA PRO C 138 21.08 12.73 25.95
C PRO C 138 19.83 11.93 26.34
N THR C 139 19.88 11.21 27.47
CA THR C 139 18.82 10.23 27.83
C THR C 139 17.54 10.85 28.40
#